data_9C5P
#
_entry.id   9C5P
#
_cell.length_a   39.610
_cell.length_b   67.880
_cell.length_c   40.170
_cell.angle_alpha   90.00
_cell.angle_beta   91.44
_cell.angle_gamma   90.00
#
_symmetry.space_group_name_H-M   'P 1 21 1'
#
loop_
_entity.id
_entity.type
_entity.pdbx_description
1 polymer 'Metallo-beta-lactamase type 2'
2 non-polymer 'MAGNESIUM ION'
3 non-polymer 'ZINC ION'
4 non-polymer "(2M)-4-(piperidine-4-sulfonyl)-4'-(piperidin-4-yl)-2-(1H-tetrazol-5-yl)[1,1'-biphenyl]-3-sulfonamide"
5 water water
#
_entity_poly.entity_id   1
_entity_poly.type   'polypeptide(L)'
_entity_poly.pdbx_seq_one_letter_code
;GSKLEFGEPSLEYPTVNEIPVGEVRLYQIADGVWSHIATQSFDGAVYPSNGLIVRDGDELLLIDTAWGAKNTAALLAEIE
KQIGLPVTRAVSTHFHDDRVGGVDVLRAAGVATYASPSTRRLAEAEGNEIPTHSLEGLSSSGDAVRFGPVELFYPGAAHS
TDNLVVYVPSANVLYGGCAVHELSSTSAGNVADADLAEWPTSVERIQKHYPEAEVVIPGHGLPGGLDLLQHTANVVKAHK
NRSVAE
;
_entity_poly.pdbx_strand_id   A
#
loop_
_chem_comp.id
_chem_comp.type
_chem_comp.name
_chem_comp.formula
A1AUQ non-polymer (2M)-4-(piperidine-4-sulfonyl)-4'-(piperidin-4-yl)-2-(1H-tetrazol-5-yl)[1,1'-biphenyl]-3-sulfonamide 'C23 H29 N7 O4 S2'
MG non-polymer 'MAGNESIUM ION' 'Mg 2'
ZN non-polymer 'ZINC ION' 'Zn 2'
#
# COMPACT_ATOMS: atom_id res chain seq x y z
N LEU A 11 -4.80 19.74 -3.30
CA LEU A 11 -5.06 20.50 -2.08
C LEU A 11 -6.28 19.98 -1.31
N GLU A 12 -7.02 19.01 -1.88
CA GLU A 12 -8.22 18.43 -1.25
C GLU A 12 -7.97 17.07 -0.60
N TYR A 13 -6.75 16.50 -0.73
CA TYR A 13 -6.45 15.17 -0.18
C TYR A 13 -6.59 15.27 1.34
N PRO A 14 -7.28 14.34 2.00
CA PRO A 14 -7.46 14.52 3.44
C PRO A 14 -6.19 14.28 4.21
N THR A 15 -6.01 15.10 5.26
CA THR A 15 -4.86 15.02 6.15
C THR A 15 -5.19 14.37 7.47
N VAL A 16 -4.14 14.06 8.24
CA VAL A 16 -4.28 13.31 9.48
C VAL A 16 -5.23 13.96 10.50
N ASN A 17 -5.14 15.31 10.71
CA ASN A 17 -6.00 16.00 11.70
C ASN A 17 -7.47 16.12 11.24
N GLU A 18 -7.75 15.75 9.97
CA GLU A 18 -9.09 15.79 9.38
C GLU A 18 -9.84 14.46 9.46
N ILE A 19 -9.18 13.37 9.90
CA ILE A 19 -9.78 12.05 9.96
C ILE A 19 -9.70 11.49 11.37
N PRO A 20 -10.83 11.45 12.10
CA PRO A 20 -10.78 10.83 13.44
C PRO A 20 -10.42 9.33 13.30
N VAL A 21 -9.71 8.78 14.29
CA VAL A 21 -9.37 7.37 14.28
C VAL A 21 -10.69 6.58 14.30
N GLY A 22 -10.84 5.66 13.36
CA GLY A 22 -12.07 4.87 13.22
C GLY A 22 -12.89 5.25 12.00
N GLU A 23 -12.60 6.40 11.37
CA GLU A 23 -13.31 6.82 10.14
C GLU A 23 -12.39 6.63 8.96
N VAL A 24 -12.97 6.36 7.77
CA VAL A 24 -12.18 6.18 6.57
C VAL A 24 -12.72 7.06 5.46
N ARG A 25 -11.81 7.71 4.74
CA ARG A 25 -12.20 8.54 3.59
C ARG A 25 -11.72 7.85 2.31
N LEU A 26 -12.43 8.10 1.20
CA LEU A 26 -12.00 7.67 -0.10
C LEU A 26 -11.63 8.90 -0.91
N TYR A 27 -10.69 8.77 -1.80
CA TYR A 27 -10.27 9.87 -2.65
C TYR A 27 -10.13 9.36 -4.08
N GLN A 28 -10.87 9.97 -5.00
CA GLN A 28 -10.80 9.57 -6.38
C GLN A 28 -9.49 10.00 -7.03
N ILE A 29 -8.70 9.05 -7.46
CA ILE A 29 -7.38 9.31 -8.07
C ILE A 29 -7.50 9.44 -9.57
N ALA A 30 -8.28 8.56 -10.19
CA ALA A 30 -8.46 8.48 -11.64
C ALA A 30 -9.72 7.65 -11.87
N ASP A 31 -10.16 7.49 -13.12
CA ASP A 31 -11.34 6.70 -13.42
CA ASP A 31 -11.36 6.70 -13.38
C ASP A 31 -11.12 5.28 -12.91
N GLY A 32 -11.99 4.79 -12.03
CA GLY A 32 -11.88 3.46 -11.46
C GLY A 32 -10.71 3.25 -10.51
N VAL A 33 -10.10 4.33 -9.95
CA VAL A 33 -8.99 4.23 -9.00
C VAL A 33 -9.23 5.17 -7.86
N TRP A 34 -9.21 4.67 -6.63
CA TRP A 34 -9.34 5.48 -5.45
C TRP A 34 -8.25 5.15 -4.50
N SER A 35 -7.87 6.10 -3.65
CA SER A 35 -7.12 5.72 -2.49
C SER A 35 -8.10 5.70 -1.31
N HIS A 36 -7.74 4.93 -0.27
CA HIS A 36 -8.46 4.95 0.99
C HIS A 36 -7.52 5.51 2.03
N ILE A 37 -8.04 6.31 2.94
CA ILE A 37 -7.28 7.01 3.95
C ILE A 37 -7.88 6.78 5.31
N ALA A 38 -7.05 6.34 6.25
CA ALA A 38 -7.46 6.08 7.61
C ALA A 38 -6.40 6.61 8.53
N THR A 39 -6.72 6.62 9.82
CA THR A 39 -5.76 7.07 10.84
C THR A 39 -5.70 6.07 11.95
N GLN A 40 -4.54 5.94 12.54
CA GLN A 40 -4.36 5.00 13.61
C GLN A 40 -3.25 5.48 14.50
N SER A 41 -3.32 5.02 15.73
CA SER A 41 -2.33 5.35 16.72
CA SER A 41 -2.30 5.37 16.69
C SER A 41 -1.32 4.25 16.85
N PHE A 42 -0.04 4.60 16.99
CA PHE A 42 1.03 3.67 17.25
C PHE A 42 1.98 4.35 18.19
N ASP A 43 2.29 3.72 19.34
CA ASP A 43 3.24 4.30 20.30
C ASP A 43 2.93 5.72 20.70
N GLY A 44 1.65 5.97 20.79
CA GLY A 44 1.21 7.27 21.28
C GLY A 44 1.25 8.41 20.29
N ALA A 45 1.37 8.13 19.01
CA ALA A 45 1.28 9.17 17.98
C ALA A 45 0.26 8.69 16.92
N VAL A 46 -0.47 9.64 16.29
CA VAL A 46 -1.47 9.32 15.27
C VAL A 46 -0.87 9.55 13.92
N TYR A 47 -1.12 8.61 13.04
CA TYR A 47 -0.62 8.68 11.70
C TYR A 47 -1.73 8.45 10.70
N PRO A 48 -1.67 9.11 9.54
CA PRO A 48 -2.58 8.74 8.45
C PRO A 48 -1.95 7.59 7.68
N SER A 49 -2.77 6.85 6.93
CA SER A 49 -2.27 5.72 6.14
C SER A 49 -3.17 5.54 4.91
N ASN A 50 -2.56 5.22 3.78
CA ASN A 50 -3.22 5.02 2.50
C ASN A 50 -3.23 3.58 2.09
N GLY A 51 -4.27 3.23 1.32
CA GLY A 51 -4.31 2.03 0.51
C GLY A 51 -4.97 2.39 -0.81
N LEU A 52 -5.25 1.37 -1.63
CA LEU A 52 -5.78 1.60 -2.95
C LEU A 52 -7.01 0.76 -3.21
N ILE A 53 -7.90 1.27 -4.07
CA ILE A 53 -9.09 0.53 -4.54
C ILE A 53 -9.07 0.64 -6.03
N VAL A 54 -9.21 -0.50 -6.74
CA VAL A 54 -9.18 -0.47 -8.19
C VAL A 54 -10.38 -1.21 -8.75
N ARG A 55 -11.14 -0.55 -9.62
CA ARG A 55 -12.30 -1.21 -10.24
C ARG A 55 -11.83 -2.33 -11.15
N ASP A 56 -12.47 -3.50 -10.97
CA ASP A 56 -12.19 -4.82 -11.56
C ASP A 56 -13.50 -5.35 -12.18
N GLY A 57 -13.91 -4.71 -13.25
CA GLY A 57 -15.17 -4.99 -13.94
C GLY A 57 -16.35 -4.49 -13.12
N ASP A 58 -17.15 -5.42 -12.57
CA ASP A 58 -18.25 -5.08 -11.67
C ASP A 58 -17.85 -5.44 -10.22
N GLU A 59 -16.54 -5.59 -9.98
CA GLU A 59 -15.99 -5.90 -8.65
C GLU A 59 -14.89 -4.93 -8.35
N LEU A 60 -14.39 -4.97 -7.13
CA LEU A 60 -13.26 -4.14 -6.72
C LEU A 60 -12.12 -4.99 -6.18
N LEU A 61 -10.90 -4.52 -6.47
CA LEU A 61 -9.68 -5.07 -5.91
C LEU A 61 -9.22 -4.06 -4.88
N LEU A 62 -8.94 -4.54 -3.66
CA LEU A 62 -8.43 -3.70 -2.59
C LEU A 62 -6.92 -3.94 -2.42
N ILE A 63 -6.16 -2.87 -2.21
CA ILE A 63 -4.74 -2.98 -1.90
C ILE A 63 -4.60 -2.41 -0.52
N ASP A 64 -4.19 -3.29 0.43
CA ASP A 64 -3.90 -3.00 1.82
C ASP A 64 -5.15 -2.74 2.66
N THR A 65 -5.08 -3.13 3.92
CA THR A 65 -6.15 -2.86 4.87
C THR A 65 -6.09 -1.36 5.27
N ALA A 66 -7.08 -0.95 6.09
CA ALA A 66 -7.14 0.39 6.66
C ALA A 66 -6.53 0.44 8.05
N TRP A 67 -5.59 -0.47 8.34
CA TRP A 67 -4.78 -0.46 9.56
C TRP A 67 -5.63 -0.65 10.81
N GLY A 68 -6.11 -1.86 10.99
CA GLY A 68 -6.88 -2.22 12.17
C GLY A 68 -8.24 -2.75 11.84
N ALA A 69 -8.77 -3.55 12.78
CA ALA A 69 -10.08 -4.18 12.56
C ALA A 69 -11.21 -3.17 12.42
N LYS A 70 -11.31 -2.20 13.35
CA LYS A 70 -12.38 -1.24 13.25
C LYS A 70 -12.25 -0.37 12.02
N ASN A 71 -11.03 0.07 11.69
CA ASN A 71 -10.84 0.89 10.48
C ASN A 71 -11.19 0.12 9.24
N THR A 72 -10.85 -1.18 9.20
CA THR A 72 -11.14 -1.97 8.00
C THR A 72 -12.65 -2.22 7.85
N ALA A 73 -13.37 -2.40 8.96
CA ALA A 73 -14.83 -2.51 8.85
C ALA A 73 -15.40 -1.17 8.33
N ALA A 74 -14.86 -0.04 8.79
CA ALA A 74 -15.33 1.27 8.32
C ALA A 74 -14.99 1.46 6.84
N LEU A 75 -13.86 0.94 6.39
CA LEU A 75 -13.48 1.01 4.99
C LEU A 75 -14.52 0.28 4.13
N LEU A 76 -14.91 -0.93 4.53
CA LEU A 76 -15.87 -1.69 3.72
C LEU A 76 -17.21 -0.94 3.66
N ALA A 77 -17.63 -0.34 4.78
CA ALA A 77 -18.87 0.43 4.84
C ALA A 77 -18.77 1.67 3.93
N GLU A 78 -17.62 2.34 3.91
CA GLU A 78 -17.43 3.50 3.05
C GLU A 78 -17.49 3.14 1.57
N ILE A 79 -16.87 2.00 1.21
CA ILE A 79 -16.90 1.51 -0.16
C ILE A 79 -18.34 1.19 -0.56
N GLU A 80 -19.10 0.54 0.35
CA GLU A 80 -20.49 0.17 0.06
C GLU A 80 -21.32 1.39 -0.29
N LYS A 81 -21.16 2.48 0.45
CA LYS A 81 -22.01 3.62 0.13
C LYS A 81 -21.50 4.50 -1.01
N GLN A 82 -20.18 4.65 -1.16
CA GLN A 82 -19.59 5.54 -2.17
CA GLN A 82 -19.64 5.53 -2.20
C GLN A 82 -19.49 4.91 -3.56
N ILE A 83 -19.17 3.62 -3.62
CA ILE A 83 -18.93 2.92 -4.87
C ILE A 83 -19.99 1.90 -5.16
N GLY A 84 -20.37 1.11 -4.17
CA GLY A 84 -21.45 0.13 -4.32
C GLY A 84 -21.14 -1.09 -5.17
N LEU A 85 -19.85 -1.43 -5.32
CA LEU A 85 -19.40 -2.65 -5.99
C LEU A 85 -18.71 -3.49 -4.93
N PRO A 86 -18.87 -4.83 -4.98
CA PRO A 86 -18.22 -5.65 -3.94
C PRO A 86 -16.72 -5.75 -4.04
N VAL A 87 -16.10 -5.74 -2.88
CA VAL A 87 -14.67 -6.00 -2.78
C VAL A 87 -14.51 -7.53 -2.77
N THR A 88 -13.92 -8.08 -3.82
CA THR A 88 -13.79 -9.53 -3.91
C THR A 88 -12.42 -10.06 -3.56
N ARG A 89 -11.38 -9.22 -3.71
CA ARG A 89 -10.02 -9.68 -3.46
C ARG A 89 -9.26 -8.53 -2.85
N ALA A 90 -8.23 -8.84 -2.07
CA ALA A 90 -7.34 -7.86 -1.46
C ALA A 90 -5.93 -8.38 -1.50
N VAL A 91 -5.01 -7.48 -1.74
CA VAL A 91 -3.58 -7.80 -1.70
C VAL A 91 -2.98 -6.93 -0.62
N SER A 92 -2.11 -7.52 0.24
CA SER A 92 -1.33 -6.74 1.19
C SER A 92 0.08 -6.62 0.67
N THR A 93 0.63 -5.39 0.71
CA THR A 93 1.91 -5.08 0.07
C THR A 93 3.12 -5.31 0.94
N HIS A 94 2.96 -5.48 2.25
CA HIS A 94 4.01 -6.04 3.10
C HIS A 94 3.39 -6.50 4.40
N PHE A 95 4.20 -7.06 5.29
CA PHE A 95 3.69 -7.83 6.41
C PHE A 95 3.29 -7.02 7.64
N HIS A 96 3.62 -5.73 7.69
CA HIS A 96 3.36 -4.93 8.89
C HIS A 96 1.89 -4.65 9.09
N ASP A 97 1.55 -4.29 10.34
CA ASP A 97 0.18 -4.13 10.76
C ASP A 97 -0.61 -3.10 9.98
N ASP A 98 0.06 -2.05 9.42
CA ASP A 98 -0.68 -1.07 8.67
C ASP A 98 -1.10 -1.58 7.29
N ARG A 99 -0.66 -2.79 6.93
CA ARG A 99 -1.02 -3.40 5.67
C ARG A 99 -1.85 -4.66 5.82
N VAL A 100 -1.72 -5.39 6.92
CA VAL A 100 -2.44 -6.62 7.17
C VAL A 100 -3.42 -6.54 8.33
N GLY A 101 -3.32 -5.54 9.19
CA GLY A 101 -4.22 -5.43 10.33
C GLY A 101 -5.61 -5.16 9.82
N GLY A 102 -6.50 -6.12 9.98
CA GLY A 102 -7.82 -6.03 9.37
C GLY A 102 -8.06 -7.12 8.35
N VAL A 103 -7.03 -7.95 8.06
CA VAL A 103 -7.26 -9.07 7.14
C VAL A 103 -8.36 -10.01 7.64
N ASP A 104 -8.45 -10.21 8.96
CA ASP A 104 -9.49 -11.13 9.46
C ASP A 104 -10.89 -10.53 9.21
N VAL A 105 -11.01 -9.19 9.32
CA VAL A 105 -12.29 -8.55 9.02
C VAL A 105 -12.61 -8.77 7.54
N LEU A 106 -11.61 -8.58 6.64
CA LEU A 106 -11.85 -8.80 5.21
C LEU A 106 -12.29 -10.22 4.96
N ARG A 107 -11.56 -11.18 5.56
CA ARG A 107 -11.86 -12.59 5.34
C ARG A 107 -13.26 -12.99 5.80
N ALA A 108 -13.72 -12.46 6.95
CA ALA A 108 -15.07 -12.71 7.51
C ALA A 108 -16.16 -12.03 6.66
N ALA A 109 -15.79 -11.03 5.83
CA ALA A 109 -16.68 -10.35 4.90
C ALA A 109 -16.65 -11.00 3.50
N GLY A 110 -15.94 -12.13 3.40
CA GLY A 110 -15.87 -12.91 2.17
C GLY A 110 -14.85 -12.42 1.15
N VAL A 111 -13.97 -11.48 1.52
CA VAL A 111 -12.94 -10.98 0.60
C VAL A 111 -11.83 -12.02 0.60
N ALA A 112 -11.36 -12.43 -0.57
CA ALA A 112 -10.23 -13.34 -0.65
C ALA A 112 -8.96 -12.49 -0.48
N THR A 113 -8.09 -12.87 0.50
CA THR A 113 -6.89 -12.09 0.83
C THR A 113 -5.63 -12.80 0.33
N TYR A 114 -4.73 -11.99 -0.21
CA TYR A 114 -3.51 -12.48 -0.87
C TYR A 114 -2.32 -11.72 -0.43
N ALA A 115 -1.17 -12.38 -0.44
CA ALA A 115 0.13 -11.76 -0.24
C ALA A 115 1.20 -12.71 -0.73
N SER A 116 2.40 -12.18 -0.96
CA SER A 116 3.49 -13.06 -1.37
C SER A 116 3.83 -14.05 -0.26
N PRO A 117 4.51 -15.17 -0.57
CA PRO A 117 4.96 -16.07 0.51
C PRO A 117 5.92 -15.35 1.44
N SER A 118 6.73 -14.44 0.97
CA SER A 118 7.65 -13.67 1.83
CA SER A 118 7.63 -13.69 1.85
C SER A 118 6.82 -12.88 2.86
N THR A 119 5.78 -12.19 2.41
CA THR A 119 4.93 -11.44 3.33
C THR A 119 4.22 -12.36 4.31
N ARG A 120 3.67 -13.48 3.84
CA ARG A 120 2.96 -14.40 4.71
C ARG A 120 3.88 -14.97 5.80
N ARG A 121 5.13 -15.36 5.46
CA ARG A 121 6.04 -15.88 6.49
C ARG A 121 6.39 -14.81 7.49
N LEU A 122 6.64 -13.59 7.03
CA LEU A 122 6.99 -12.54 7.96
C LEU A 122 5.82 -12.14 8.84
N ALA A 123 4.61 -12.09 8.28
CA ALA A 123 3.42 -11.81 9.08
C ALA A 123 3.21 -12.86 10.15
N GLU A 124 3.40 -14.13 9.78
CA GLU A 124 3.26 -15.24 10.72
C GLU A 124 4.27 -15.07 11.87
N ALA A 125 5.55 -14.81 11.54
CA ALA A 125 6.59 -14.68 12.57
C ALA A 125 6.31 -13.48 13.48
N GLU A 126 5.69 -12.43 12.96
CA GLU A 126 5.41 -11.22 13.72
C GLU A 126 4.20 -11.38 14.63
N GLY A 127 3.38 -12.38 14.38
CA GLY A 127 2.12 -12.51 15.10
C GLY A 127 1.02 -11.65 14.50
N ASN A 128 1.20 -11.20 13.27
CA ASN A 128 0.18 -10.40 12.57
C ASN A 128 -0.82 -11.27 11.85
N GLU A 129 -1.91 -10.65 11.38
CA GLU A 129 -2.90 -11.37 10.59
C GLU A 129 -2.26 -11.81 9.27
N ILE A 130 -2.66 -12.99 8.79
CA ILE A 130 -2.06 -13.59 7.63
C ILE A 130 -3.04 -13.71 6.50
N PRO A 131 -2.75 -13.08 5.37
CA PRO A 131 -3.57 -13.27 4.16
C PRO A 131 -3.72 -14.76 3.82
N THR A 132 -4.84 -15.14 3.26
CA THR A 132 -5.12 -16.55 3.01
C THR A 132 -4.29 -17.17 1.91
N HIS A 133 -4.14 -16.45 0.78
CA HIS A 133 -3.59 -16.99 -0.45
C HIS A 133 -2.22 -16.45 -0.73
N SER A 134 -1.38 -17.27 -1.36
CA SER A 134 0.00 -16.94 -1.69
CA SER A 134 0.00 -16.96 -1.66
C SER A 134 0.19 -16.52 -3.11
N LEU A 135 0.96 -15.43 -3.32
CA LEU A 135 1.26 -14.87 -4.64
C LEU A 135 2.64 -15.26 -5.10
N GLU A 136 2.74 -16.26 -5.94
CA GLU A 136 4.03 -16.69 -6.45
C GLU A 136 4.48 -15.77 -7.58
N GLY A 137 5.71 -15.96 -8.03
CA GLY A 137 6.24 -15.20 -9.15
C GLY A 137 6.73 -13.83 -8.79
N LEU A 138 6.95 -13.55 -7.49
CA LEU A 138 7.41 -12.24 -7.04
C LEU A 138 8.61 -12.32 -6.12
N SER A 139 9.35 -13.42 -6.15
CA SER A 139 10.43 -13.58 -5.17
C SER A 139 11.75 -12.99 -5.59
N SER A 140 11.90 -12.55 -6.83
CA SER A 140 13.15 -11.99 -7.32
C SER A 140 12.99 -10.53 -7.68
N SER A 141 13.92 -9.65 -7.27
CA SER A 141 13.79 -8.23 -7.59
CA SER A 141 13.88 -8.23 -7.59
C SER A 141 13.63 -8.03 -9.08
N GLY A 142 12.64 -7.20 -9.42
CA GLY A 142 12.29 -6.93 -10.80
C GLY A 142 11.13 -7.77 -11.29
N ASP A 143 10.66 -8.74 -10.48
CA ASP A 143 9.53 -9.58 -10.88
C ASP A 143 8.26 -8.78 -10.93
N ALA A 144 7.40 -9.14 -11.87
CA ALA A 144 6.09 -8.52 -12.04
C ALA A 144 5.09 -9.58 -12.42
N VAL A 145 3.88 -9.48 -11.86
CA VAL A 145 2.79 -10.40 -12.20
C VAL A 145 1.52 -9.57 -12.37
N ARG A 146 0.59 -10.07 -13.19
CA ARG A 146 -0.70 -9.45 -13.32
C ARG A 146 -1.65 -10.00 -12.27
N PHE A 147 -2.49 -9.10 -11.73
CA PHE A 147 -3.51 -9.48 -10.75
C PHE A 147 -4.73 -8.59 -11.01
N GLY A 148 -5.71 -9.08 -11.78
CA GLY A 148 -6.86 -8.26 -12.12
C GLY A 148 -6.40 -7.01 -12.82
N PRO A 149 -6.90 -5.85 -12.41
CA PRO A 149 -6.56 -4.61 -13.11
C PRO A 149 -5.22 -3.99 -12.76
N VAL A 150 -4.37 -4.70 -12.02
CA VAL A 150 -3.07 -4.15 -11.66
C VAL A 150 -1.95 -5.05 -12.04
N GLU A 151 -0.75 -4.46 -12.01
CA GLU A 151 0.49 -5.23 -12.04
C GLU A 151 1.12 -5.11 -10.65
N LEU A 152 1.53 -6.23 -10.08
CA LEU A 152 2.28 -6.28 -8.83
C LEU A 152 3.75 -6.36 -9.18
N PHE A 153 4.56 -5.57 -8.50
CA PHE A 153 5.98 -5.51 -8.80
C PHE A 153 6.78 -5.62 -7.53
N TYR A 154 7.78 -6.49 -7.49
CA TYR A 154 8.69 -6.62 -6.38
C TYR A 154 9.98 -5.87 -6.73
N PRO A 155 10.24 -4.69 -6.14
CA PRO A 155 11.40 -3.89 -6.55
C PRO A 155 12.69 -4.29 -5.88
N GLY A 156 12.62 -5.17 -4.89
CA GLY A 156 13.75 -5.47 -4.03
C GLY A 156 13.50 -4.88 -2.64
N ALA A 157 14.37 -5.23 -1.73
CA ALA A 157 14.24 -4.78 -0.35
C ALA A 157 14.33 -3.27 -0.23
N ALA A 158 13.47 -2.71 0.62
CA ALA A 158 13.46 -1.26 0.79
C ALA A 158 12.97 -0.96 2.21
N HIS A 159 11.72 -0.51 2.38
CA HIS A 159 11.14 -0.36 3.71
C HIS A 159 11.08 -1.70 4.45
N SER A 160 10.86 -2.78 3.70
CA SER A 160 10.89 -4.14 4.23
C SER A 160 11.45 -5.04 3.11
N THR A 161 11.78 -6.29 3.46
CA THR A 161 12.35 -7.15 2.43
C THR A 161 11.29 -7.69 1.46
N ASP A 162 10.03 -7.64 1.86
CA ASP A 162 8.91 -8.19 1.09
C ASP A 162 8.07 -7.12 0.42
N ASN A 163 8.44 -5.83 0.53
CA ASN A 163 7.51 -4.83 0.01
C ASN A 163 7.25 -4.92 -1.50
N LEU A 164 5.97 -4.81 -1.85
CA LEU A 164 5.51 -4.77 -3.25
C LEU A 164 5.02 -3.39 -3.57
N VAL A 165 5.09 -3.02 -4.85
CA VAL A 165 4.42 -1.85 -5.33
C VAL A 165 3.40 -2.29 -6.39
N VAL A 166 2.44 -1.42 -6.68
CA VAL A 166 1.29 -1.77 -7.52
C VAL A 166 1.11 -0.71 -8.58
N TYR A 167 0.99 -1.13 -9.83
CA TYR A 167 0.78 -0.21 -10.93
C TYR A 167 -0.58 -0.47 -11.55
N VAL A 168 -1.32 0.60 -11.89
CA VAL A 168 -2.62 0.50 -12.55
C VAL A 168 -2.39 0.98 -13.97
N PRO A 169 -2.17 0.06 -14.93
CA PRO A 169 -1.79 0.50 -16.29
C PRO A 169 -2.81 1.36 -17.00
N SER A 170 -4.12 1.14 -16.75
CA SER A 170 -5.16 1.96 -17.41
C SER A 170 -5.07 3.44 -17.02
N ALA A 171 -4.54 3.74 -15.83
CA ALA A 171 -4.52 5.08 -15.29
C ALA A 171 -3.13 5.66 -15.06
N ASN A 172 -2.07 4.87 -15.31
CA ASN A 172 -0.68 5.26 -15.00
C ASN A 172 -0.52 5.71 -13.54
N VAL A 173 -1.12 4.96 -12.62
CA VAL A 173 -1.03 5.21 -11.19
C VAL A 173 -0.09 4.19 -10.58
N LEU A 174 0.84 4.67 -9.79
CA LEU A 174 1.78 3.84 -9.07
C LEU A 174 1.52 4.00 -7.59
N TYR A 175 1.15 2.91 -6.94
CA TYR A 175 0.99 2.89 -5.51
C TYR A 175 2.24 2.29 -4.92
N GLY A 176 2.98 3.09 -4.15
CA GLY A 176 4.25 2.64 -3.63
C GLY A 176 4.21 1.95 -2.29
N GLY A 177 3.11 2.07 -1.55
CA GLY A 177 3.07 1.59 -0.18
C GLY A 177 4.15 2.24 0.65
N CYS A 178 4.60 1.55 1.68
CA CYS A 178 5.52 2.16 2.62
C CYS A 178 6.95 2.25 2.13
N ALA A 179 7.22 1.70 0.95
CA ALA A 179 8.51 1.88 0.28
C ALA A 179 8.67 3.28 -0.30
N VAL A 180 7.56 4.05 -0.40
CA VAL A 180 7.60 5.41 -0.98
C VAL A 180 7.03 6.38 0.04
N HIS A 181 7.78 7.45 0.27
CA HIS A 181 7.39 8.53 1.18
C HIS A 181 6.82 9.72 0.43
N GLU A 182 6.00 10.48 1.13
CA GLU A 182 5.43 11.70 0.56
C GLU A 182 6.50 12.79 0.53
N LEU A 183 6.29 13.82 -0.28
CA LEU A 183 7.25 14.92 -0.43
C LEU A 183 7.60 15.68 0.83
N SER A 184 6.65 15.83 1.78
CA SER A 184 6.97 16.55 3.02
C SER A 184 7.79 15.76 3.98
N SER A 185 7.99 14.46 3.74
CA SER A 185 8.70 13.62 4.68
C SER A 185 10.08 14.14 4.96
N THR A 186 10.44 14.16 6.26
CA THR A 186 11.77 14.56 6.71
C THR A 186 12.40 13.43 7.54
N SER A 187 11.76 12.27 7.60
CA SER A 187 12.28 11.14 8.37
C SER A 187 11.83 9.88 7.71
N ALA A 188 12.51 8.80 8.04
CA ALA A 188 12.32 7.55 7.34
C ALA A 188 11.28 6.61 7.92
N GLY A 189 10.54 7.00 8.96
CA GLY A 189 9.56 6.14 9.60
C GLY A 189 10.20 4.96 10.33
N ASN A 190 9.44 3.86 10.46
CA ASN A 190 9.93 2.68 11.12
C ASN A 190 10.87 1.95 10.18
N VAL A 191 12.16 1.98 10.49
CA VAL A 191 13.19 1.31 9.67
C VAL A 191 13.69 0.02 10.26
N ALA A 192 13.02 -0.48 11.31
CA ALA A 192 13.52 -1.70 11.98
C ALA A 192 13.69 -2.88 11.03
N ASP A 193 12.81 -2.98 10.01
CA ASP A 193 12.88 -4.10 9.08
C ASP A 193 13.35 -3.70 7.69
N ALA A 194 13.87 -2.47 7.57
CA ALA A 194 14.29 -1.92 6.29
C ALA A 194 15.67 -2.38 5.87
N ASP A 195 15.98 -2.21 4.58
CA ASP A 195 17.34 -2.41 4.06
C ASP A 195 17.74 -1.04 3.49
N LEU A 196 18.38 -0.22 4.33
CA LEU A 196 18.72 1.14 3.96
C LEU A 196 19.68 1.26 2.78
N ALA A 197 20.57 0.30 2.64
CA ALA A 197 21.52 0.29 1.54
C ALA A 197 20.87 -0.08 0.20
N GLU A 198 19.92 -1.03 0.22
CA GLU A 198 19.26 -1.47 -0.99
C GLU A 198 18.13 -0.56 -1.41
N TRP A 199 17.50 0.16 -0.47
CA TRP A 199 16.34 1.00 -0.73
C TRP A 199 16.53 1.91 -1.96
N PRO A 200 17.63 2.73 -2.08
CA PRO A 200 17.76 3.57 -3.29
C PRO A 200 17.82 2.76 -4.58
N THR A 201 18.46 1.58 -4.53
CA THR A 201 18.52 0.72 -5.71
C THR A 201 17.10 0.23 -6.07
N SER A 202 16.31 -0.14 -5.05
CA SER A 202 14.93 -0.59 -5.30
C SER A 202 14.06 0.53 -5.84
N VAL A 203 14.27 1.76 -5.35
CA VAL A 203 13.58 2.93 -5.91
C VAL A 203 14.02 3.16 -7.37
N GLU A 204 15.33 3.03 -7.68
CA GLU A 204 15.79 3.20 -9.07
C GLU A 204 15.10 2.17 -9.98
N ARG A 205 14.90 0.94 -9.46
CA ARG A 205 14.24 -0.11 -10.25
C ARG A 205 12.80 0.30 -10.56
N ILE A 206 12.08 0.85 -9.58
CA ILE A 206 10.73 1.34 -9.78
C ILE A 206 10.74 2.43 -10.85
N GLN A 207 11.66 3.40 -10.74
CA GLN A 207 11.78 4.53 -11.69
C GLN A 207 11.99 3.97 -13.12
N LYS A 208 12.86 2.97 -13.26
CA LYS A 208 13.16 2.35 -14.56
C LYS A 208 11.94 1.59 -15.16
N HIS A 209 11.20 0.87 -14.31
CA HIS A 209 10.07 0.04 -14.73
CA HIS A 209 10.09 0.05 -14.78
C HIS A 209 8.80 0.82 -15.03
N TYR A 210 8.58 1.96 -14.32
CA TYR A 210 7.35 2.75 -14.47
C TYR A 210 7.61 4.21 -14.80
N PRO A 211 8.31 4.47 -15.92
CA PRO A 211 8.65 5.85 -16.25
C PRO A 211 7.46 6.71 -16.67
N GLU A 212 6.32 6.10 -17.02
CA GLU A 212 5.12 6.81 -17.47
C GLU A 212 4.15 7.05 -16.31
N ALA A 213 4.56 6.75 -15.05
CA ALA A 213 3.64 6.98 -13.93
C ALA A 213 3.31 8.46 -13.83
N GLU A 214 2.01 8.75 -13.69
CA GLU A 214 1.51 10.11 -13.56
C GLU A 214 1.21 10.49 -12.13
N VAL A 215 0.74 9.51 -11.34
CA VAL A 215 0.42 9.70 -9.94
C VAL A 215 1.21 8.66 -9.20
N VAL A 216 1.87 9.09 -8.13
CA VAL A 216 2.58 8.19 -7.21
C VAL A 216 1.93 8.37 -5.83
N ILE A 217 1.45 7.29 -5.25
CA ILE A 217 0.80 7.32 -3.93
C ILE A 217 1.73 6.69 -2.90
N PRO A 218 2.06 7.42 -1.83
CA PRO A 218 2.89 6.86 -0.77
C PRO A 218 2.05 6.04 0.19
N GLY A 219 2.72 5.27 1.06
CA GLY A 219 1.99 4.55 2.08
C GLY A 219 1.34 5.46 3.11
N HIS A 220 1.91 6.66 3.32
CA HIS A 220 1.40 7.61 4.31
C HIS A 220 1.56 8.99 3.73
N GLY A 221 0.48 9.76 3.69
CA GLY A 221 0.58 11.14 3.23
C GLY A 221 0.08 11.39 1.83
N LEU A 222 0.49 12.54 1.30
CA LEU A 222 -0.08 13.00 0.05
C LEU A 222 0.46 12.37 -1.23
N PRO A 223 -0.40 11.98 -2.17
CA PRO A 223 0.08 11.59 -3.50
C PRO A 223 0.75 12.77 -4.21
N GLY A 224 1.59 12.45 -5.17
CA GLY A 224 2.24 13.43 -6.03
C GLY A 224 2.61 12.76 -7.31
N GLY A 225 3.69 13.21 -7.91
CA GLY A 225 4.20 12.62 -9.13
C GLY A 225 5.43 11.77 -8.91
N LEU A 226 6.18 11.52 -10.00
CA LEU A 226 7.37 10.69 -9.97
C LEU A 226 8.46 11.21 -9.01
N ASP A 227 8.41 12.49 -8.63
CA ASP A 227 9.35 13.10 -7.69
C ASP A 227 9.37 12.43 -6.32
N LEU A 228 8.25 11.77 -5.92
CA LEU A 228 8.22 11.06 -4.64
C LEU A 228 9.28 9.97 -4.61
N LEU A 229 9.61 9.38 -5.76
CA LEU A 229 10.61 8.33 -5.77
C LEU A 229 12.00 8.85 -5.40
N GLN A 230 12.48 9.89 -6.11
CA GLN A 230 13.80 10.42 -5.76
C GLN A 230 13.80 10.99 -4.34
N HIS A 231 12.71 11.67 -3.96
CA HIS A 231 12.64 12.21 -2.63
C HIS A 231 12.82 11.10 -1.60
N THR A 232 12.17 9.95 -1.82
CA THR A 232 12.27 8.82 -0.88
C THR A 232 13.73 8.37 -0.79
N ALA A 233 14.43 8.22 -1.91
CA ALA A 233 15.83 7.85 -1.83
C ALA A 233 16.61 8.89 -1.00
N ASN A 234 16.28 10.18 -1.17
CA ASN A 234 16.96 11.22 -0.41
C ASN A 234 16.68 11.16 1.09
N VAL A 235 15.44 10.87 1.47
CA VAL A 235 15.05 10.70 2.88
C VAL A 235 15.86 9.56 3.50
N VAL A 236 15.98 8.45 2.75
CA VAL A 236 16.70 7.28 3.24
C VAL A 236 18.19 7.58 3.43
N LYS A 237 18.78 8.30 2.47
CA LYS A 237 20.19 8.70 2.57
C LYS A 237 20.40 9.60 3.79
N ALA A 238 19.48 10.56 4.05
CA ALA A 238 19.63 11.47 5.20
C ALA A 238 19.54 10.71 6.50
N HIS A 239 18.70 9.66 6.55
CA HIS A 239 18.55 8.85 7.74
C HIS A 239 19.87 8.10 7.98
N LYS A 240 20.44 7.48 6.92
CA LYS A 240 21.73 6.75 6.99
C LYS A 240 22.87 7.61 7.49
N ASN A 241 22.88 8.91 7.13
CA ASN A 241 23.93 9.85 7.50
C ASN A 241 23.72 10.48 8.88
MG MG B . -10.05 21.50 2.52
ZN ZN C . 5.92 -1.35 7.22
ZN ZN D . 3.51 2.14 6.80
C A1AUQ E . 4.58 3.75 10.91
N A1AUQ E . 6.64 11.40 7.68
O A1AUQ E . 6.73 0.35 9.47
S A1AUQ E . 5.36 -0.05 9.74
C1 A1AUQ E . 5.00 5.11 10.51
N1 A1AUQ E . 5.24 2.78 7.67
O1 A1AUQ E . 5.19 -1.12 10.62
C2 A1AUQ E . 4.54 5.67 9.32
N2 A1AUQ E . 6.19 3.28 6.87
C3 A1AUQ E . 5.01 6.98 8.97
N3 A1AUQ E . 7.22 3.67 7.63
C4 A1AUQ E . 5.92 7.66 9.81
N4 A1AUQ E . 6.93 3.45 8.93
C5 A1AUQ E . 6.48 9.03 9.41
C6 A1AUQ E . 5.35 10.05 9.42
C7 A1AUQ E . 5.89 11.47 9.03
C8 A1AUQ E . 7.78 10.39 7.70
C9 A1AUQ E . 7.18 8.99 8.01
C10 A1AUQ E . 6.34 7.06 11.00
C11 A1AUQ E . 5.89 5.78 11.35
C12 A1AUQ E . 4.93 2.59 10.13
C13 A1AUQ E . 5.70 2.89 8.93
C14 A1AUQ E . 4.57 1.29 10.56
C15 A1AUQ E . 3.71 1.12 11.71
C16 A1AUQ E . 4.18 -1.33 13.21
C17 A1AUQ E . 3.47 -2.05 14.37
C18 A1AUQ E . 4.47 -2.95 15.16
C19 A1AUQ E . 6.33 -1.30 14.52
C20 A1AUQ E . 5.28 -0.45 13.80
O3 A1AUQ E . 2.52 -1.09 11.16
S1 A1AUQ E . 3.01 -0.35 12.27
O2 A1AUQ E . 2.04 0.06 13.28
N6 A1AUQ E . 5.66 -2.11 15.66
N5 A1AUQ E . 4.70 -0.29 8.28
C21 A1AUQ E . 3.43 2.29 12.46
C22 A1AUQ E . 3.86 3.56 12.09
#